data_9K6T
#
_entry.id   9K6T
#
loop_
_entity.id
_entity.type
_entity.pdbx_description
1 polymer 'Protein argonaute-2'
2 polymer "RNA (5'-R(P*UP*AP*CP*AP*AP*GP*AP*GP*CP*CP*UP*UP*UP*CP*UP*GP*UP*UP*GP*UP*U)-3')"
3 polymer "RNA (5'-R(P*AP*AP*CP*AP*AP*CP*AP*GP*AP*AP*AP*GP*GP*CP*UP*CP*UP*UP*GP*UP*U)-3')"
4 non-polymer 'MAGNESIUM ION'
#
loop_
_entity_poly.entity_id
_entity_poly.type
_entity_poly.pdbx_seq_one_letter_code
_entity_poly.pdbx_strand_id
1 'polypeptide(L)'
;MYSGAGPALAPPAPPPPIQGYAFKPPPRPDFGTSGRTIKLQANFFEMDIPKIDIYHYELDIKPEKCPRRVNREIVEHMVQ
HFKTQIFGDRKPVFDGRKNLYTAMPLPIGRDKVELEVTLPGEGKDRIFKVSIKWVSCVSLQALHDALSGRLPSVPFETIQ
ALDVVMRHLPSMRYTPVGRSFFTASEGCSNPLGGGREVWFGFHQSVRPSLWKMMLNIDVSATAFYKAQPVIEFVCEVLDF
KSIEEQQKPLTDSQRVKFTKEIKGLKVEITHCGQMKRKYRVCNVTRRPASHQTFPLQQESGQTVECTVAQYFKDRHKLVL
RYPHLPCLQVGQEQKHTYLPLEVCNIVAGQRCIKKLTDNQTSTMIRATARSAPDRQEEISKLMRSASFNTDPYVREFGIM
VKDEMTDVTGRVLQPPSILYGGRNKAIATPVQGVWDMRNKQFHTGIEIKVWAIACFAPQRQCTEVHLKSFTEQLRKISRD
AGMPIQGQPCFCKYAQGADSVEPMFRHLKNTYAGLQLVVVILPGKTPVYAEVKRVGDTVLGMATQCVQMKNVQRTTPQTL
SNLCLKINVKLGGVNNILLPQGRPPVFQQPVIFLGADVTHPPAGDGKKPSIAAVVGSMDAHPNRYCATVRVQQHRQEIIQ
DLAAMVRELLIQFYKSTRFKPTRIIFYRAGVSEGQFQQVLHHELLAIREACIKLEKDYQPGITFIVVQKRHHTRLFCTDK
NERVGKSGNIPAGTTVDTKITHPTEFDFYLCSHAGIQGTSRPSHYHVLWDDNRFSSDELQILTYQLCHTYVRCTRSVSIP
APAYYAHLVAFRARYHLVDKEHDSAEGSHTSGQSNGRDHQALAKAVQVHQDTLRTMYFA
;
A
2 'polyribonucleotide' UACAAGAGCCUUUCUGUUGUU B
3 'polyribonucleotide' AACAACAGAAAGGCUCUUGUU C
#
# COMPACT_ATOMS: atom_id res chain seq x y z
N GLY A 410 -26.07 -10.07 2.85
CA GLY A 410 -25.15 -9.44 1.91
C GLY A 410 -25.43 -7.96 1.71
N ARG A 411 -25.17 -7.16 2.74
CA ARG A 411 -25.46 -5.74 2.69
C ARG A 411 -24.37 -5.00 1.92
N VAL A 412 -24.76 -4.32 0.86
CA VAL A 412 -23.84 -3.48 0.09
C VAL A 412 -23.83 -2.11 0.78
N LEU A 413 -22.71 -1.80 1.42
CA LEU A 413 -22.57 -0.53 2.10
C LEU A 413 -22.40 0.58 1.08
N GLN A 414 -22.76 1.79 1.48
CA GLN A 414 -22.61 2.94 0.60
C GLN A 414 -21.13 3.22 0.38
N PRO A 415 -20.66 3.35 -0.86
CA PRO A 415 -19.28 3.73 -1.08
C PRO A 415 -19.04 5.14 -0.56
N PRO A 416 -17.85 5.42 -0.06
CA PRO A 416 -17.58 6.76 0.47
C PRO A 416 -17.59 7.80 -0.64
N SER A 417 -18.19 8.94 -0.36
CA SER A 417 -18.15 10.02 -1.33
C SER A 417 -16.74 10.56 -1.31
N ILE A 418 -15.91 10.04 -2.21
CA ILE A 418 -14.48 10.28 -2.21
C ILE A 418 -14.21 11.76 -2.47
N LEU A 419 -13.47 12.39 -1.56
CA LEU A 419 -13.24 13.82 -1.62
C LEU A 419 -11.98 14.10 -2.44
N TYR A 420 -12.15 14.71 -3.60
CA TYR A 420 -11.04 15.20 -4.40
C TYR A 420 -10.90 16.71 -4.17
N GLY A 421 -9.79 17.26 -4.67
CA GLY A 421 -9.49 18.66 -4.41
C GLY A 421 -9.30 19.51 -5.63
N GLY A 422 -8.24 20.31 -5.63
CA GLY A 422 -7.95 21.19 -6.74
C GLY A 422 -8.80 22.46 -6.71
N ARG A 423 -9.00 23.02 -7.90
CA ARG A 423 -9.75 24.26 -8.03
C ARG A 423 -11.25 24.04 -7.80
N ASN A 424 -11.73 22.81 -8.04
CA ASN A 424 -13.14 22.53 -7.96
C ASN A 424 -13.53 21.90 -6.63
N LYS A 425 -12.60 21.17 -6.00
CA LYS A 425 -12.88 20.32 -4.85
C LYS A 425 -14.03 19.36 -5.15
N ALA A 426 -13.87 18.62 -6.24
CA ALA A 426 -14.90 17.69 -6.71
C ALA A 426 -15.02 16.51 -5.76
N ILE A 427 -16.18 15.86 -5.80
CA ILE A 427 -16.45 14.69 -4.98
C ILE A 427 -16.84 13.56 -5.91
N ALA A 428 -16.10 12.46 -5.85
CA ALA A 428 -16.34 11.33 -6.74
C ALA A 428 -17.19 10.28 -6.06
N THR A 429 -18.34 9.96 -6.65
CA THR A 429 -19.22 8.92 -6.16
C THR A 429 -18.98 7.66 -6.97
N PRO A 430 -18.44 6.60 -6.38
CA PRO A 430 -18.20 5.36 -7.14
C PRO A 430 -19.50 4.70 -7.59
N VAL A 431 -19.58 4.41 -8.87
CA VAL A 431 -20.72 3.71 -9.46
C VAL A 431 -20.28 2.30 -9.79
N GLN A 432 -20.98 1.31 -9.22
CA GLN A 432 -20.69 -0.12 -9.37
C GLN A 432 -19.28 -0.47 -8.91
N GLY A 433 -18.73 0.31 -7.97
CA GLY A 433 -17.47 0.01 -7.35
C GLY A 433 -16.26 0.71 -7.94
N VAL A 434 -16.39 1.31 -9.13
CA VAL A 434 -15.28 1.99 -9.77
C VAL A 434 -15.74 3.40 -10.15
N TRP A 435 -14.93 4.39 -9.80
CA TRP A 435 -15.21 5.78 -10.14
C TRP A 435 -14.18 6.27 -11.15
N ASP A 436 -14.63 7.08 -12.10
CA ASP A 436 -13.74 7.63 -13.11
C ASP A 436 -12.99 8.83 -12.55
N MET A 437 -11.86 9.14 -13.17
CA MET A 437 -11.03 10.28 -12.78
C MET A 437 -11.24 11.50 -13.68
N ARG A 438 -12.29 11.51 -14.49
CA ARG A 438 -12.55 12.64 -15.36
C ARG A 438 -13.03 13.84 -14.56
N ASN A 439 -12.41 15.00 -14.83
CA ASN A 439 -12.73 16.28 -14.19
C ASN A 439 -12.60 16.21 -12.67
N LYS A 440 -11.54 15.55 -12.21
CA LYS A 440 -11.28 15.40 -10.78
C LYS A 440 -9.81 15.64 -10.52
N GLN A 441 -9.50 16.77 -9.87
CA GLN A 441 -8.13 17.09 -9.49
C GLN A 441 -7.81 16.38 -8.18
N PHE A 442 -6.53 16.06 -7.99
CA PHE A 442 -6.10 15.39 -6.77
C PHE A 442 -6.30 16.29 -5.56
N HIS A 443 -6.62 15.67 -4.42
CA HIS A 443 -6.85 16.43 -3.19
C HIS A 443 -5.59 17.16 -2.75
N THR A 444 -4.55 16.40 -2.40
CA THR A 444 -3.23 16.96 -2.14
C THR A 444 -2.33 16.45 -3.25
N GLY A 445 -2.32 17.15 -4.38
CA GLY A 445 -1.43 16.81 -5.45
C GLY A 445 -0.09 17.53 -5.30
N ILE A 446 0.95 16.86 -5.79
CA ILE A 446 2.31 17.40 -5.70
C ILE A 446 2.65 18.06 -7.02
N GLU A 447 3.09 19.29 -6.98
CA GLU A 447 3.71 19.92 -8.14
C GLU A 447 5.06 19.25 -8.33
N ILE A 448 5.11 18.28 -9.25
CA ILE A 448 6.30 17.45 -9.45
C ILE A 448 7.43 18.32 -9.99
N LYS A 449 8.42 18.59 -9.14
CA LYS A 449 9.52 19.46 -9.53
C LYS A 449 10.42 18.78 -10.56
N VAL A 450 10.97 17.63 -10.20
CA VAL A 450 11.87 16.88 -11.08
C VAL A 450 11.42 15.42 -11.08
N TRP A 451 11.48 14.79 -12.25
CA TRP A 451 11.17 13.38 -12.39
C TRP A 451 12.04 12.79 -13.49
N ALA A 452 12.13 11.46 -13.51
CA ALA A 452 13.11 10.77 -14.34
C ALA A 452 12.47 9.64 -15.13
N ILE A 453 13.04 9.38 -16.31
CA ILE A 453 12.60 8.32 -17.22
C ILE A 453 13.75 7.33 -17.35
N ALA A 454 13.48 6.06 -17.04
CA ALA A 454 14.48 4.99 -17.03
C ALA A 454 14.02 3.88 -17.97
N CYS A 455 14.59 3.82 -19.18
CA CYS A 455 14.23 2.80 -20.14
C CYS A 455 15.19 1.62 -20.00
N PHE A 456 14.65 0.45 -19.66
CA PHE A 456 15.40 -0.79 -19.73
C PHE A 456 14.99 -1.65 -20.91
N ALA A 457 13.91 -1.30 -21.59
CA ALA A 457 13.51 -1.97 -22.82
C ALA A 457 14.49 -1.62 -23.94
N PRO A 458 14.61 -2.50 -24.94
CA PRO A 458 15.49 -2.17 -26.08
C PRO A 458 14.93 -1.02 -26.90
N GLN A 459 15.85 -0.29 -27.55
CA GLN A 459 15.45 0.84 -28.39
C GLN A 459 14.76 0.38 -29.67
N ARG A 460 14.95 -0.88 -30.07
CA ARG A 460 14.23 -1.42 -31.22
C ARG A 460 12.73 -1.51 -30.94
N GLN A 461 12.36 -1.88 -29.72
CA GLN A 461 10.97 -2.12 -29.37
C GLN A 461 10.40 -1.02 -28.49
N CYS A 462 11.15 0.07 -28.26
CA CYS A 462 10.65 1.23 -27.54
C CYS A 462 11.49 2.43 -27.98
N THR A 463 10.91 3.27 -28.82
CA THR A 463 11.64 4.37 -29.44
C THR A 463 11.54 5.64 -28.60
N GLU A 464 12.41 6.61 -28.92
CA GLU A 464 12.44 7.87 -28.18
C GLU A 464 11.20 8.72 -28.48
N VAL A 465 10.73 8.70 -29.72
CA VAL A 465 9.56 9.51 -30.07
C VAL A 465 8.29 8.93 -29.42
N HIS A 466 8.18 7.61 -29.34
CA HIS A 466 7.04 7.01 -28.67
C HIS A 466 7.10 7.23 -27.17
N LEU A 467 8.31 7.22 -26.60
CA LEU A 467 8.47 7.52 -25.18
C LEU A 467 8.11 8.98 -24.89
N LYS A 468 8.46 9.89 -25.80
CA LYS A 468 8.10 11.30 -25.62
C LYS A 468 6.60 11.50 -25.77
N SER A 469 5.95 10.76 -26.67
CA SER A 469 4.50 10.81 -26.78
C SER A 469 3.83 10.29 -25.51
N PHE A 470 4.36 9.21 -24.94
CA PHE A 470 3.86 8.71 -23.67
C PHE A 470 4.05 9.72 -22.56
N THR A 471 5.21 10.38 -22.53
CA THR A 471 5.49 11.42 -21.54
C THR A 471 4.52 12.57 -21.65
N GLU A 472 4.27 13.04 -22.88
CA GLU A 472 3.36 14.17 -23.09
C GLU A 472 1.93 13.82 -22.71
N GLN A 473 1.47 12.63 -23.09
CA GLN A 473 0.08 12.29 -22.83
C GLN A 473 -0.13 11.95 -21.35
N LEU A 474 0.88 11.36 -20.72
CA LEU A 474 0.88 11.19 -19.27
C LEU A 474 0.84 12.52 -18.54
N ARG A 475 1.60 13.51 -19.03
CA ARG A 475 1.60 14.83 -18.42
C ARG A 475 0.24 15.50 -18.58
N LYS A 476 -0.41 15.32 -19.74
CA LYS A 476 -1.75 15.85 -19.93
C LYS A 476 -2.75 15.22 -18.97
N ILE A 477 -2.69 13.89 -18.82
CA ILE A 477 -3.58 13.19 -17.88
C ILE A 477 -3.31 13.64 -16.45
N SER A 478 -2.04 13.85 -16.11
CA SER A 478 -1.68 14.28 -14.76
C SER A 478 -2.13 15.70 -14.47
N ARG A 479 -2.01 16.60 -15.45
CA ARG A 479 -2.48 17.97 -15.26
C ARG A 479 -4.00 18.00 -15.15
N ASP A 480 -4.69 17.12 -15.87
CA ASP A 480 -6.13 16.95 -15.66
C ASP A 480 -6.42 16.30 -14.31
N ALA A 481 -5.43 15.65 -13.72
CA ALA A 481 -5.58 14.94 -12.45
C ALA A 481 -5.24 15.79 -11.24
N GLY A 482 -4.82 17.03 -11.43
CA GLY A 482 -4.45 17.87 -10.30
C GLY A 482 -3.04 17.68 -9.79
N MET A 483 -2.25 16.84 -10.44
CA MET A 483 -0.85 16.61 -10.08
C MET A 483 -0.01 17.09 -11.24
N PRO A 484 0.45 18.33 -11.19
CA PRO A 484 1.16 18.90 -12.35
C PRO A 484 2.62 18.49 -12.39
N ILE A 485 3.06 18.01 -13.54
CA ILE A 485 4.47 17.87 -13.86
C ILE A 485 4.89 19.12 -14.62
N GLN A 486 5.86 19.83 -14.08
CA GLN A 486 6.30 21.11 -14.66
C GLN A 486 7.39 20.83 -15.68
N GLY A 487 7.00 20.71 -16.95
CA GLY A 487 7.95 20.60 -18.03
C GLY A 487 8.42 19.18 -18.30
N GLN A 488 9.38 19.10 -19.21
CA GLN A 488 10.01 17.85 -19.58
C GLN A 488 10.88 17.31 -18.45
N PRO A 489 11.04 15.99 -18.35
CA PRO A 489 11.91 15.42 -17.31
C PRO A 489 13.36 15.84 -17.50
N CYS A 490 14.04 16.08 -16.38
CA CYS A 490 15.45 16.43 -16.41
C CYS A 490 16.35 15.22 -16.60
N PHE A 491 15.80 14.01 -16.53
CA PHE A 491 16.55 12.77 -16.68
C PHE A 491 15.75 11.85 -17.58
N CYS A 492 16.34 11.42 -18.69
CA CYS A 492 15.67 10.48 -19.59
C CYS A 492 16.74 9.61 -20.23
N LYS A 493 17.03 8.47 -19.60
CA LYS A 493 18.14 7.63 -20.01
C LYS A 493 17.67 6.20 -20.30
N TYR A 494 18.31 5.59 -21.30
CA TYR A 494 18.22 4.16 -21.53
C TYR A 494 19.23 3.42 -20.66
N ALA A 495 18.91 2.16 -20.37
CA ALA A 495 19.80 1.30 -19.59
C ALA A 495 19.44 -0.14 -19.89
N GLN A 496 20.22 -1.07 -19.31
CA GLN A 496 19.96 -2.49 -19.45
C GLN A 496 20.66 -3.23 -18.32
N GLY A 497 20.15 -4.42 -17.99
CA GLY A 497 20.75 -5.26 -16.97
C GLY A 497 20.40 -4.86 -15.55
N ALA A 498 20.32 -5.84 -14.65
CA ALA A 498 20.05 -5.53 -13.25
C ALA A 498 21.28 -4.96 -12.55
N ASP A 499 22.48 -5.35 -13.00
CA ASP A 499 23.70 -4.88 -12.36
C ASP A 499 24.00 -3.42 -12.63
N SER A 500 23.32 -2.81 -13.61
CA SER A 500 23.51 -1.40 -13.96
C SER A 500 22.42 -0.53 -13.37
N VAL A 501 21.97 -0.83 -12.15
CA VAL A 501 20.89 -0.09 -11.49
C VAL A 501 21.43 0.82 -10.39
N GLU A 502 22.21 0.26 -9.46
CA GLU A 502 22.80 1.07 -8.38
C GLU A 502 23.67 2.22 -8.88
N PRO A 503 24.61 2.04 -9.84
CA PRO A 503 25.38 3.22 -10.28
C PRO A 503 24.53 4.27 -10.98
N MET A 504 23.55 3.85 -11.77
CA MET A 504 22.69 4.80 -12.47
C MET A 504 21.77 5.53 -11.50
N PHE A 505 21.22 4.82 -10.51
CA PHE A 505 20.39 5.46 -9.50
C PHE A 505 21.19 6.45 -8.65
N ARG A 506 22.41 6.08 -8.28
CA ARG A 506 23.22 7.01 -7.48
C ARG A 506 23.78 8.13 -8.34
N HIS A 507 23.81 7.95 -9.66
CA HIS A 507 24.12 9.06 -10.55
C HIS A 507 22.96 10.03 -10.64
N LEU A 508 21.73 9.51 -10.71
CA LEU A 508 20.58 10.41 -10.83
C LEU A 508 20.25 11.10 -9.50
N LYS A 509 20.57 10.46 -8.36
CA LYS A 509 20.37 11.12 -7.08
C LYS A 509 21.32 12.30 -6.90
N ASN A 510 22.58 12.14 -7.29
CA ASN A 510 23.60 13.15 -7.09
C ASN A 510 23.70 14.13 -8.25
N THR A 511 22.64 14.27 -9.05
CA THR A 511 22.65 15.20 -10.17
C THR A 511 21.51 16.22 -10.02
N TYR A 512 20.35 15.74 -9.59
CA TYR A 512 19.17 16.58 -9.46
C TYR A 512 18.75 16.64 -8.00
N ALA A 513 18.95 17.80 -7.37
CA ALA A 513 18.59 17.98 -5.97
C ALA A 513 17.08 17.97 -5.80
N GLY A 514 16.63 17.38 -4.69
CA GLY A 514 15.20 17.26 -4.45
C GLY A 514 14.50 16.33 -5.42
N LEU A 515 15.18 15.25 -5.82
CA LEU A 515 14.60 14.30 -6.76
C LEU A 515 13.43 13.59 -6.09
N GLN A 516 12.34 13.43 -6.84
CA GLN A 516 11.10 12.89 -6.30
C GLN A 516 10.74 11.53 -6.88
N LEU A 517 10.65 11.39 -8.20
CA LEU A 517 10.14 10.19 -8.81
C LEU A 517 11.05 9.78 -9.97
N VAL A 518 11.23 8.47 -10.13
CA VAL A 518 11.94 7.89 -11.27
C VAL A 518 10.96 6.92 -11.94
N VAL A 519 10.59 7.20 -13.18
CA VAL A 519 9.78 6.27 -13.96
C VAL A 519 10.71 5.32 -14.67
N VAL A 520 10.50 4.02 -14.45
CA VAL A 520 11.34 2.96 -14.98
C VAL A 520 10.51 2.12 -15.94
N ILE A 521 11.09 1.84 -17.11
CA ILE A 521 10.41 1.09 -18.17
C ILE A 521 11.02 -0.31 -18.18
N LEU A 522 10.18 -1.33 -18.04
CA LEU A 522 10.64 -2.69 -17.87
C LEU A 522 10.05 -3.61 -18.93
N PRO A 523 10.86 -4.26 -19.77
CA PRO A 523 10.30 -5.22 -20.72
C PRO A 523 9.89 -6.53 -20.07
N GLY A 524 8.73 -6.54 -19.41
CA GLY A 524 8.18 -7.78 -18.89
C GLY A 524 8.70 -8.09 -17.51
N LYS A 525 9.11 -9.34 -17.30
CA LYS A 525 9.64 -9.81 -16.04
C LYS A 525 11.15 -10.01 -16.15
N THR A 526 11.89 -9.51 -15.17
CA THR A 526 13.34 -9.45 -15.22
C THR A 526 13.84 -9.20 -13.80
N PRO A 527 15.10 -9.57 -13.49
CA PRO A 527 15.70 -9.17 -12.21
C PRO A 527 15.95 -7.67 -12.08
N VAL A 528 15.78 -6.90 -13.16
CA VAL A 528 15.96 -5.46 -13.11
C VAL A 528 14.97 -4.83 -12.14
N TYR A 529 13.74 -5.36 -12.08
CA TYR A 529 12.74 -4.85 -11.15
C TYR A 529 13.18 -5.06 -9.71
N ALA A 530 13.72 -6.24 -9.41
CA ALA A 530 14.19 -6.55 -8.06
C ALA A 530 15.33 -5.62 -7.65
N GLU A 531 16.31 -5.44 -8.53
CA GLU A 531 17.43 -4.57 -8.17
C GLU A 531 17.00 -3.10 -8.12
N VAL A 532 16.07 -2.69 -8.98
CA VAL A 532 15.59 -1.31 -8.97
C VAL A 532 14.90 -1.00 -7.64
N LYS A 533 14.05 -1.92 -7.19
CA LYS A 533 13.36 -1.69 -5.92
C LYS A 533 14.32 -1.79 -4.74
N ARG A 534 15.31 -2.68 -4.80
CA ARG A 534 16.27 -2.80 -3.71
C ARG A 534 17.14 -1.55 -3.59
N VAL A 535 17.56 -0.98 -4.72
CA VAL A 535 18.35 0.24 -4.69
C VAL A 535 17.49 1.42 -4.24
N GLY A 536 16.26 1.50 -4.75
CA GLY A 536 15.42 2.65 -4.45
C GLY A 536 14.96 2.71 -3.01
N ASP A 537 14.59 1.57 -2.43
CA ASP A 537 13.92 1.61 -1.14
C ASP A 537 14.85 1.45 0.06
N THR A 538 15.95 0.71 -0.08
CA THR A 538 16.84 0.50 1.06
C THR A 538 18.20 1.15 0.88
N VAL A 539 18.85 0.95 -0.27
CA VAL A 539 20.24 1.38 -0.42
C VAL A 539 20.32 2.90 -0.52
N LEU A 540 19.48 3.51 -1.35
CA LEU A 540 19.59 4.94 -1.62
C LEU A 540 18.48 5.77 -1.01
N GLY A 541 17.26 5.27 -0.96
CA GLY A 541 16.18 6.07 -0.44
C GLY A 541 15.47 6.92 -1.49
N MET A 542 14.94 6.28 -2.52
CA MET A 542 14.19 6.94 -3.59
C MET A 542 12.78 6.38 -3.67
N ALA A 543 11.97 7.04 -4.51
CA ALA A 543 10.64 6.54 -4.87
C ALA A 543 10.63 6.31 -6.38
N THR A 544 10.20 5.12 -6.78
CA THR A 544 10.25 4.72 -8.18
C THR A 544 8.88 4.23 -8.62
N GLN A 545 8.64 4.32 -9.93
CA GLN A 545 7.41 3.82 -10.54
C GLN A 545 7.81 3.07 -11.80
N CYS A 546 7.68 1.75 -11.78
CA CYS A 546 8.06 0.91 -12.89
C CYS A 546 6.82 0.41 -13.62
N VAL A 547 6.85 0.50 -14.95
CA VAL A 547 5.75 0.02 -15.78
C VAL A 547 6.31 -0.75 -16.97
N GLN A 548 5.45 -1.62 -17.51
CA GLN A 548 5.91 -2.51 -18.60
C GLN A 548 5.95 -1.77 -19.94
N MET A 549 6.50 -2.45 -20.95
CA MET A 549 6.65 -1.88 -22.28
C MET A 549 5.31 -1.72 -22.99
N LYS A 550 4.38 -2.65 -22.76
CA LYS A 550 3.12 -2.66 -23.50
C LYS A 550 2.24 -1.47 -23.13
N ASN A 551 2.59 -0.79 -22.05
CA ASN A 551 1.77 0.37 -21.58
C ASN A 551 2.44 1.69 -21.95
N VAL A 552 3.56 1.66 -22.69
CA VAL A 552 4.18 2.92 -23.09
C VAL A 552 4.06 3.21 -24.57
N GLN A 553 3.60 2.28 -25.40
CA GLN A 553 3.25 2.58 -26.79
C GLN A 553 1.76 2.48 -27.06
N ARG A 554 1.10 1.47 -26.51
CA ARG A 554 -0.34 1.29 -26.64
C ARG A 554 -0.95 1.61 -25.29
N THR A 555 -1.18 2.90 -25.04
CA THR A 555 -1.64 3.39 -23.75
C THR A 555 -3.13 3.68 -23.77
N THR A 556 -3.74 3.57 -22.59
CA THR A 556 -5.15 3.84 -22.36
C THR A 556 -5.27 4.99 -21.37
N PRO A 557 -6.40 5.70 -21.38
CA PRO A 557 -6.62 6.69 -20.31
C PRO A 557 -6.62 6.11 -18.91
N GLN A 558 -7.12 4.89 -18.73
CA GLN A 558 -7.10 4.27 -17.41
C GLN A 558 -5.68 3.88 -17.01
N THR A 559 -4.83 3.52 -17.98
CA THR A 559 -3.45 3.20 -17.69
C THR A 559 -2.69 4.42 -17.15
N LEU A 560 -2.86 5.55 -17.82
CA LEU A 560 -2.21 6.78 -17.36
C LEU A 560 -2.82 7.26 -16.06
N SER A 561 -4.12 7.04 -15.87
CA SER A 561 -4.77 7.39 -14.60
C SER A 561 -4.19 6.59 -13.45
N ASN A 562 -3.97 5.29 -13.65
CA ASN A 562 -3.40 4.44 -12.60
C ASN A 562 -1.94 4.81 -12.33
N LEU A 563 -1.20 5.14 -13.40
CA LEU A 563 0.17 5.63 -13.22
C LEU A 563 0.20 6.90 -12.37
N CYS A 564 -0.67 7.86 -12.68
CA CYS A 564 -0.73 9.11 -11.92
C CYS A 564 -1.17 8.87 -10.49
N LEU A 565 -2.08 7.92 -10.29
CA LEU A 565 -2.55 7.57 -8.96
C LEU A 565 -1.41 7.05 -8.09
N LYS A 566 -0.59 6.15 -8.63
CA LYS A 566 0.52 5.63 -7.85
C LYS A 566 1.61 6.68 -7.65
N ILE A 567 1.85 7.51 -8.67
CA ILE A 567 2.89 8.52 -8.57
C ILE A 567 2.54 9.56 -7.51
N ASN A 568 1.26 9.92 -7.40
CA ASN A 568 0.86 10.92 -6.41
C ASN A 568 1.03 10.41 -4.98
N VAL A 569 0.82 9.11 -4.76
CA VAL A 569 0.91 8.61 -3.39
C VAL A 569 2.35 8.23 -3.04
N LYS A 570 3.19 8.01 -4.05
CA LYS A 570 4.58 7.69 -3.74
C LYS A 570 5.38 8.93 -3.37
N LEU A 571 4.80 10.12 -3.54
CA LEU A 571 5.52 11.38 -3.40
C LEU A 571 5.00 12.22 -2.24
N GLY A 572 4.41 11.58 -1.23
CA GLY A 572 4.07 12.25 0.00
C GLY A 572 2.71 12.91 0.04
N GLY A 573 1.99 12.97 -1.07
CA GLY A 573 0.70 13.63 -1.11
C GLY A 573 -0.44 12.67 -0.94
N VAL A 574 -1.65 13.24 -0.91
CA VAL A 574 -2.87 12.48 -0.74
C VAL A 574 -3.59 12.48 -2.08
N ASN A 575 -3.88 11.29 -2.60
CA ASN A 575 -4.71 11.19 -3.80
C ASN A 575 -6.13 11.64 -3.51
N ASN A 576 -6.71 11.11 -2.43
CA ASN A 576 -8.10 11.36 -2.12
C ASN A 576 -8.40 11.00 -0.66
N ILE A 577 -8.91 11.96 0.12
CA ILE A 577 -9.33 11.63 1.47
C ILE A 577 -10.74 11.08 1.37
N LEU A 578 -11.24 10.55 2.46
CA LEU A 578 -12.66 10.20 2.55
C LEU A 578 -13.43 11.47 2.92
N LEU A 579 -14.74 11.36 3.09
CA LEU A 579 -15.49 12.49 3.60
C LEU A 579 -15.24 12.64 5.10
N PRO A 580 -14.73 13.77 5.57
CA PRO A 580 -14.61 13.97 7.03
C PRO A 580 -15.95 13.95 7.73
N GLN A 581 -17.01 14.40 7.06
CA GLN A 581 -18.36 14.24 7.57
C GLN A 581 -18.90 12.83 7.37
N GLY A 582 -18.32 12.07 6.44
CA GLY A 582 -18.80 10.74 6.15
C GLY A 582 -17.93 9.64 6.73
N ARG A 583 -16.83 10.02 7.37
CA ARG A 583 -15.97 9.05 8.02
C ARG A 583 -16.67 8.46 9.25
N PRO A 584 -16.34 7.23 9.64
CA PRO A 584 -16.94 6.63 10.82
C PRO A 584 -16.55 7.38 12.09
N PRO A 585 -17.38 7.32 13.14
CA PRO A 585 -17.18 8.22 14.30
C PRO A 585 -15.94 7.91 15.12
N VAL A 586 -15.27 6.78 14.87
CA VAL A 586 -14.05 6.42 15.60
C VAL A 586 -12.94 7.43 15.37
N PHE A 587 -12.94 8.12 14.23
CA PHE A 587 -12.00 9.20 13.96
C PHE A 587 -12.23 10.44 14.81
N GLN A 588 -13.29 10.48 15.62
CA GLN A 588 -13.44 11.58 16.58
C GLN A 588 -12.36 11.55 17.64
N GLN A 589 -11.78 10.37 17.88
CA GLN A 589 -10.64 10.15 18.76
C GLN A 589 -9.48 9.66 17.89
N PRO A 590 -8.23 9.94 18.28
CA PRO A 590 -7.10 9.50 17.47
C PRO A 590 -7.03 7.99 17.26
N VAL A 591 -6.69 7.58 16.03
CA VAL A 591 -6.60 6.18 15.64
C VAL A 591 -5.27 5.98 14.93
N ILE A 592 -4.76 4.74 14.99
CA ILE A 592 -3.69 4.28 14.12
C ILE A 592 -4.09 2.92 13.56
N PHE A 593 -3.83 2.71 12.27
CA PHE A 593 -4.16 1.47 11.58
C PHE A 593 -2.86 0.78 11.19
N LEU A 594 -2.71 -0.47 11.61
CA LEU A 594 -1.52 -1.25 11.34
C LEU A 594 -1.90 -2.40 10.43
N GLY A 595 -0.96 -2.83 9.60
CA GLY A 595 -1.14 -3.98 8.75
C GLY A 595 0.11 -4.82 8.74
N ALA A 596 -0.03 -6.13 8.94
CA ALA A 596 1.09 -7.04 9.04
C ALA A 596 0.97 -8.17 8.04
N ASP A 597 2.14 -8.60 7.54
CA ASP A 597 2.17 -9.76 6.62
C ASP A 597 3.54 -10.42 6.66
N VAL A 598 3.58 -11.73 6.40
CA VAL A 598 4.83 -12.49 6.37
C VAL A 598 4.96 -13.16 5.00
N THR A 599 6.15 -13.04 4.43
CA THR A 599 6.50 -13.69 3.18
C THR A 599 7.44 -14.85 3.46
N HIS A 600 7.07 -16.04 3.02
CA HIS A 600 7.87 -17.23 3.11
C HIS A 600 8.58 -17.48 1.79
N PRO A 601 9.80 -18.01 1.79
CA PRO A 601 10.48 -18.28 0.53
C PRO A 601 10.01 -19.58 -0.08
N PRO A 602 10.45 -19.90 -1.31
CA PRO A 602 10.23 -21.26 -1.82
C PRO A 602 10.83 -22.30 -0.91
N ALA A 603 10.08 -23.36 -0.67
CA ALA A 603 10.44 -24.34 0.35
C ALA A 603 11.64 -25.17 -0.11
N GLY A 604 12.32 -25.76 0.87
CA GLY A 604 13.60 -26.39 0.62
C GLY A 604 14.78 -25.45 0.65
N ASP A 605 14.55 -24.17 0.92
CA ASP A 605 15.61 -23.16 1.01
C ASP A 605 15.93 -22.96 2.48
N GLY A 606 16.94 -23.68 2.97
CA GLY A 606 17.34 -23.55 4.36
C GLY A 606 18.03 -22.25 4.69
N LYS A 607 18.61 -21.59 3.70
CA LYS A 607 19.30 -20.32 3.90
C LYS A 607 18.40 -19.11 3.67
N LYS A 608 17.39 -19.25 2.83
CA LYS A 608 16.48 -18.13 2.57
C LYS A 608 15.47 -18.00 3.71
N PRO A 609 15.40 -16.84 4.35
CA PRO A 609 14.55 -16.68 5.54
C PRO A 609 13.17 -16.11 5.21
N SER A 610 12.35 -16.01 6.24
CA SER A 610 11.03 -15.41 6.11
C SER A 610 11.07 -13.93 6.48
N ILE A 611 10.05 -13.20 6.05
CA ILE A 611 10.01 -11.74 6.15
C ILE A 611 8.74 -11.33 6.88
N ALA A 612 8.90 -10.50 7.91
CA ALA A 612 7.77 -9.98 8.68
C ALA A 612 7.72 -8.48 8.47
N ALA A 613 6.58 -7.97 7.97
CA ALA A 613 6.47 -6.57 7.60
C ALA A 613 5.16 -5.99 8.11
N VAL A 614 5.24 -4.85 8.80
CA VAL A 614 4.07 -4.12 9.27
C VAL A 614 4.15 -2.69 8.76
N VAL A 615 2.98 -2.07 8.65
CA VAL A 615 2.82 -0.68 8.23
C VAL A 615 1.81 -0.03 9.15
N GLY A 616 1.93 1.28 9.32
CA GLY A 616 1.07 2.03 10.22
C GLY A 616 0.68 3.38 9.64
N SER A 617 -0.58 3.76 9.85
CA SER A 617 -1.10 5.02 9.37
C SER A 617 -0.66 6.16 10.29
N MET A 618 -0.61 7.37 9.74
CA MET A 618 -0.19 8.55 10.49
C MET A 618 -1.32 9.52 10.78
N ASP A 619 -1.98 10.04 9.74
CA ASP A 619 -2.85 11.18 9.89
C ASP A 619 -4.28 10.73 10.20
N ALA A 620 -5.09 11.68 10.66
CA ALA A 620 -6.50 11.44 10.90
C ALA A 620 -7.31 11.40 9.62
N HIS A 621 -6.74 11.83 8.50
CA HIS A 621 -7.30 11.66 7.17
C HIS A 621 -6.49 10.55 6.53
N PRO A 622 -6.79 9.27 6.82
CA PRO A 622 -5.78 8.22 6.68
C PRO A 622 -5.44 7.89 5.24
N ASN A 623 -4.30 8.41 4.78
CA ASN A 623 -3.82 8.10 3.45
C ASN A 623 -2.31 7.93 3.42
N ARG A 624 -1.63 8.04 4.56
CA ARG A 624 -0.18 8.01 4.63
C ARG A 624 0.24 6.93 5.61
N TYR A 625 1.21 6.12 5.21
CA TYR A 625 1.64 4.97 5.99
C TYR A 625 3.16 4.96 6.07
N CYS A 626 3.66 4.33 7.13
CA CYS A 626 5.07 4.07 7.33
C CYS A 626 5.26 2.57 7.52
N ALA A 627 6.47 2.10 7.25
CA ALA A 627 6.74 0.67 7.26
C ALA A 627 7.83 0.31 8.27
N THR A 628 7.77 -0.92 8.75
CA THR A 628 8.80 -1.51 9.60
C THR A 628 8.85 -3.00 9.29
N VAL A 629 10.02 -3.48 8.89
CA VAL A 629 10.18 -4.84 8.38
C VAL A 629 11.42 -5.47 9.01
N ARG A 630 11.29 -6.74 9.41
CA ARG A 630 12.40 -7.52 9.94
C ARG A 630 12.41 -8.90 9.31
N VAL A 631 13.47 -9.64 9.61
CA VAL A 631 13.74 -10.95 9.01
C VAL A 631 13.66 -12.00 10.10
N GLN A 632 12.91 -13.07 9.85
CA GLN A 632 12.71 -14.13 10.82
C GLN A 632 13.05 -15.48 10.19
N GLN A 633 13.01 -16.52 11.02
CA GLN A 633 13.52 -17.84 10.66
C GLN A 633 12.64 -18.50 9.59
N HIS A 634 13.08 -19.67 9.15
CA HIS A 634 12.49 -20.34 8.00
C HIS A 634 11.11 -20.89 8.34
N ARG A 635 10.12 -20.50 7.55
CA ARG A 635 8.73 -20.98 7.63
C ARG A 635 8.14 -20.74 9.02
N GLN A 636 8.18 -19.48 9.44
CA GLN A 636 7.62 -19.07 10.73
C GLN A 636 6.47 -18.11 10.47
N GLU A 637 5.28 -18.48 10.95
CA GLU A 637 4.06 -17.72 10.68
C GLU A 637 3.70 -16.79 11.83
N ILE A 638 4.68 -16.37 12.62
CA ILE A 638 4.51 -15.46 13.75
C ILE A 638 5.70 -14.51 13.77
N ILE A 639 5.51 -13.34 14.38
CA ILE A 639 6.57 -12.35 14.52
C ILE A 639 7.06 -12.35 15.96
N GLN A 640 8.37 -12.44 16.14
CA GLN A 640 8.94 -12.34 17.48
C GLN A 640 8.93 -10.89 17.96
N ASP A 641 9.57 -10.00 17.23
CA ASP A 641 9.67 -8.60 17.63
C ASP A 641 8.56 -7.76 17.01
N LEU A 642 7.32 -8.20 17.19
CA LEU A 642 6.18 -7.39 16.76
C LEU A 642 6.01 -6.17 17.67
N ALA A 643 6.33 -6.34 18.96
CA ALA A 643 6.17 -5.24 19.91
C ALA A 643 7.12 -4.09 19.58
N ALA A 644 8.35 -4.39 19.19
CA ALA A 644 9.28 -3.34 18.81
C ALA A 644 8.83 -2.63 17.54
N MET A 645 8.23 -3.38 16.61
CA MET A 645 7.68 -2.80 15.39
C MET A 645 6.56 -1.83 15.71
N VAL A 646 5.61 -2.24 16.55
CA VAL A 646 4.49 -1.39 16.92
C VAL A 646 4.96 -0.18 17.71
N ARG A 647 5.96 -0.36 18.58
CA ARG A 647 6.51 0.75 19.35
C ARG A 647 7.20 1.78 18.46
N GLU A 648 7.97 1.31 17.46
CA GLU A 648 8.60 2.23 16.53
C GLU A 648 7.57 2.96 15.67
N LEU A 649 6.51 2.24 15.27
CA LEU A 649 5.45 2.89 14.50
C LEU A 649 4.70 3.93 15.33
N LEU A 650 4.50 3.65 16.62
CA LEU A 650 3.85 4.61 17.52
C LEU A 650 4.71 5.85 17.72
N ILE A 651 6.03 5.65 17.87
CA ILE A 651 6.95 6.77 17.99
C ILE A 651 6.93 7.62 16.72
N GLN A 652 6.91 6.96 15.55
CA GLN A 652 6.85 7.71 14.29
C GLN A 652 5.53 8.43 14.13
N PHE A 653 4.44 7.83 14.61
CA PHE A 653 3.13 8.49 14.64
C PHE A 653 3.21 9.79 15.43
N TYR A 654 3.72 9.72 16.66
CA TYR A 654 3.81 10.92 17.50
C TYR A 654 4.77 11.94 16.92
N LYS A 655 5.84 11.47 16.27
CA LYS A 655 6.84 12.40 15.75
C LYS A 655 6.33 13.15 14.52
N SER A 656 5.64 12.45 13.63
CA SER A 656 5.19 13.07 12.38
C SER A 656 3.83 13.75 12.50
N THR A 657 3.03 13.42 13.51
CA THR A 657 1.68 13.96 13.61
C THR A 657 1.43 14.84 14.82
N ARG A 658 2.23 14.70 15.89
CA ARG A 658 2.21 15.59 17.06
C ARG A 658 0.85 15.61 17.78
N PHE A 659 0.22 14.44 17.89
CA PHE A 659 -0.97 14.30 18.73
C PHE A 659 -1.05 12.86 19.19
N LYS A 660 -1.50 12.68 20.44
CA LYS A 660 -1.35 11.38 21.09
C LYS A 660 -2.43 10.40 20.60
N PRO A 661 -2.03 9.22 20.15
CA PRO A 661 -3.01 8.24 19.68
C PRO A 661 -3.77 7.61 20.83
N THR A 662 -4.98 7.14 20.53
CA THR A 662 -5.82 6.50 21.53
C THR A 662 -6.35 5.13 21.12
N ARG A 663 -6.68 4.91 19.85
CA ARG A 663 -7.08 3.59 19.37
C ARG A 663 -5.92 2.94 18.63
N ILE A 664 -6.01 1.61 18.52
CA ILE A 664 -5.08 0.81 17.73
C ILE A 664 -5.89 -0.22 16.95
N ILE A 665 -5.66 -0.31 15.64
CA ILE A 665 -6.28 -1.33 14.80
C ILE A 665 -5.16 -2.15 14.17
N PHE A 666 -5.36 -3.46 14.07
CA PHE A 666 -4.38 -4.37 13.51
C PHE A 666 -5.02 -5.20 12.40
N TYR A 667 -4.35 -5.27 11.25
CA TYR A 667 -4.79 -6.03 10.07
C TYR A 667 -3.70 -7.03 9.72
N ARG A 668 -3.77 -8.21 10.31
CA ARG A 668 -2.81 -9.28 10.07
C ARG A 668 -3.13 -9.97 8.75
N ALA A 669 -2.09 -10.37 8.01
CA ALA A 669 -2.26 -11.02 6.72
C ALA A 669 -1.20 -12.08 6.52
N GLY A 670 -1.45 -12.98 5.58
CA GLY A 670 -0.54 -14.06 5.23
C GLY A 670 -0.37 -15.11 6.30
N VAL A 671 -1.47 -15.52 6.92
CA VAL A 671 -1.46 -16.51 7.99
C VAL A 671 -2.36 -17.68 7.58
N SER A 672 -1.83 -18.90 7.78
CA SER A 672 -2.57 -20.12 7.42
C SER A 672 -3.85 -20.26 8.25
N GLU A 673 -4.88 -20.91 7.72
CA GLU A 673 -6.17 -21.04 8.36
C GLU A 673 -6.16 -22.08 9.49
N GLY A 674 -5.36 -23.14 9.32
CA GLY A 674 -5.38 -24.24 10.26
C GLY A 674 -4.80 -23.92 11.62
N GLN A 675 -3.87 -22.96 11.70
CA GLN A 675 -3.23 -22.61 12.95
C GLN A 675 -3.46 -21.15 13.34
N PHE A 676 -4.70 -20.66 13.22
CA PHE A 676 -5.01 -19.28 13.58
C PHE A 676 -4.92 -19.04 15.09
N GLN A 677 -5.17 -20.08 15.88
CA GLN A 677 -5.23 -19.93 17.33
C GLN A 677 -3.85 -19.61 17.91
N GLN A 678 -2.80 -20.29 17.43
CA GLN A 678 -1.46 -20.06 17.94
C GLN A 678 -0.96 -18.68 17.54
N VAL A 679 -1.23 -18.27 16.30
CA VAL A 679 -0.83 -16.95 15.83
C VAL A 679 -1.59 -15.85 16.59
N LEU A 680 -2.87 -16.08 16.83
CA LEU A 680 -3.66 -15.16 17.66
C LEU A 680 -3.08 -15.04 19.06
N HIS A 681 -2.78 -16.19 19.69
CA HIS A 681 -2.24 -16.25 21.04
C HIS A 681 -0.91 -15.52 21.14
N HIS A 682 -0.03 -15.66 20.16
CA HIS A 682 1.26 -14.98 20.25
C HIS A 682 1.07 -13.49 19.96
N GLU A 683 0.47 -13.16 18.81
CA GLU A 683 0.53 -11.79 18.32
C GLU A 683 -0.36 -10.84 19.11
N LEU A 684 -1.45 -11.36 19.69
CA LEU A 684 -2.28 -10.58 20.59
C LEU A 684 -1.50 -10.13 21.82
N LEU A 685 -0.83 -11.09 22.48
CA LEU A 685 0.03 -10.75 23.60
C LEU A 685 1.19 -9.88 23.14
N ALA A 686 1.65 -10.06 21.90
CA ALA A 686 2.75 -9.25 21.39
C ALA A 686 2.32 -7.79 21.26
N ILE A 687 1.10 -7.54 20.78
CA ILE A 687 0.58 -6.17 20.73
C ILE A 687 0.32 -5.65 22.14
N ARG A 688 0.04 -6.55 23.08
CA ARG A 688 -0.17 -6.10 24.46
C ARG A 688 1.14 -5.60 25.09
N GLU A 689 2.22 -6.38 24.95
CA GLU A 689 3.52 -5.89 25.40
C GLU A 689 4.06 -4.77 24.50
N ALA A 690 3.49 -4.60 23.31
CA ALA A 690 3.76 -3.38 22.55
C ALA A 690 3.17 -2.17 23.27
N CYS A 691 1.95 -2.32 23.78
CA CYS A 691 1.30 -1.20 24.46
C CYS A 691 1.85 -0.93 25.86
N ILE A 692 2.31 -1.95 26.58
CA ILE A 692 2.70 -1.77 27.98
C ILE A 692 4.20 -1.61 28.16
N LYS A 693 4.97 -1.50 27.06
CA LYS A 693 6.41 -1.28 27.17
C LYS A 693 6.81 0.11 26.74
N LEU A 694 5.88 1.07 26.77
CA LEU A 694 6.17 2.45 26.44
C LEU A 694 5.97 3.38 27.63
N GLU A 695 4.85 3.23 28.34
CA GLU A 695 4.58 4.01 29.54
C GLU A 695 3.58 3.23 30.39
N LYS A 696 3.61 3.45 31.69
CA LYS A 696 2.67 2.78 32.58
C LYS A 696 1.25 3.32 32.34
N ASP A 697 0.28 2.42 32.45
CA ASP A 697 -1.14 2.67 32.22
C ASP A 697 -1.45 3.20 30.83
N TYR A 698 -0.58 2.93 29.85
CA TYR A 698 -0.81 3.36 28.47
C TYR A 698 -1.48 2.21 27.74
N GLN A 699 -2.80 2.10 27.87
CA GLN A 699 -3.57 1.07 27.20
C GLN A 699 -4.46 1.77 26.17
N PRO A 700 -4.14 1.63 24.89
CA PRO A 700 -5.12 1.90 23.84
C PRO A 700 -6.14 0.78 23.70
N GLY A 701 -7.22 1.07 22.98
CA GLY A 701 -8.19 0.05 22.66
C GLY A 701 -7.64 -0.93 21.64
N ILE A 702 -7.49 -2.19 22.03
CA ILE A 702 -6.84 -3.18 21.17
C ILE A 702 -7.90 -3.93 20.36
N THR A 703 -7.67 -4.04 19.05
CA THR A 703 -8.44 -4.95 18.22
C THR A 703 -7.49 -5.63 17.24
N PHE A 704 -7.70 -6.92 17.02
CA PHE A 704 -6.89 -7.72 16.12
C PHE A 704 -7.82 -8.29 15.05
N ILE A 705 -7.63 -7.86 13.80
CA ILE A 705 -8.36 -8.38 12.64
C ILE A 705 -7.36 -9.03 11.72
N VAL A 706 -7.52 -10.33 11.48
CA VAL A 706 -6.75 -11.02 10.46
C VAL A 706 -7.64 -11.16 9.22
N VAL A 707 -7.07 -10.80 8.06
CA VAL A 707 -7.91 -10.78 6.83
C VAL A 707 -7.34 -11.77 5.80
N GLN A 708 -8.16 -12.49 5.05
CA GLN A 708 -7.52 -13.49 4.18
C GLN A 708 -8.22 -13.51 2.84
N LYS A 709 -7.53 -13.01 1.81
CA LYS A 709 -8.12 -12.94 0.44
C LYS A 709 -8.66 -14.31 0.05
N ARG A 710 -9.81 -14.71 0.59
CA ARG A 710 -10.45 -16.00 0.20
C ARG A 710 -11.91 -16.00 0.68
N ARG A 723 -26.92 -9.29 -13.31
CA ARG A 723 -26.16 -9.02 -12.10
C ARG A 723 -25.47 -7.66 -12.19
N VAL A 724 -24.14 -7.67 -12.07
CA VAL A 724 -23.36 -6.44 -12.11
C VAL A 724 -22.21 -6.62 -13.09
N GLY A 725 -22.10 -5.70 -14.05
CA GLY A 725 -20.97 -5.68 -14.94
C GLY A 725 -21.08 -6.68 -16.07
N LYS A 726 -20.00 -6.72 -16.88
CA LYS A 726 -19.95 -7.66 -18.00
C LYS A 726 -19.83 -9.10 -17.51
N SER A 727 -19.03 -9.33 -16.47
CA SER A 727 -18.79 -10.67 -15.97
C SER A 727 -19.93 -11.19 -15.11
N GLY A 728 -20.84 -10.32 -14.65
CA GLY A 728 -21.95 -10.74 -13.82
C GLY A 728 -21.52 -11.24 -12.46
N ASN A 729 -20.99 -10.35 -11.63
CA ASN A 729 -20.40 -10.73 -10.35
C ASN A 729 -20.98 -9.87 -9.24
N ILE A 730 -20.41 -10.03 -8.04
CA ILE A 730 -20.86 -9.32 -6.85
C ILE A 730 -20.47 -7.84 -6.95
N PRO A 731 -21.39 -6.91 -6.71
CA PRO A 731 -21.01 -5.49 -6.70
C PRO A 731 -20.07 -5.18 -5.55
N ALA A 732 -19.17 -4.23 -5.79
CA ALA A 732 -18.11 -3.92 -4.83
C ALA A 732 -18.70 -3.21 -3.61
N GLY A 733 -18.65 -3.88 -2.46
CA GLY A 733 -19.14 -3.28 -1.23
C GLY A 733 -20.02 -4.20 -0.41
N THR A 734 -20.17 -5.44 -0.85
CA THR A 734 -21.05 -6.36 -0.14
C THR A 734 -20.43 -6.79 1.18
N THR A 735 -21.23 -6.73 2.24
CA THR A 735 -20.81 -7.12 3.58
C THR A 735 -21.67 -8.27 4.07
N VAL A 736 -21.04 -9.35 4.52
CA VAL A 736 -21.72 -10.49 5.11
C VAL A 736 -21.29 -10.59 6.56
N ASP A 737 -22.27 -10.58 7.47
CA ASP A 737 -22.00 -10.60 8.89
C ASP A 737 -22.42 -11.90 9.57
N THR A 738 -23.36 -12.64 8.99
CA THR A 738 -23.82 -13.90 9.56
C THR A 738 -23.97 -14.93 8.45
N LYS A 739 -24.48 -16.10 8.82
CA LYS A 739 -24.92 -17.22 8.01
C LYS A 739 -23.76 -17.99 7.38
N ILE A 740 -22.53 -17.47 7.43
CA ILE A 740 -21.33 -18.23 7.06
C ILE A 740 -20.26 -17.98 8.11
N THR A 741 -20.61 -17.24 9.16
CA THR A 741 -19.64 -16.73 10.12
C THR A 741 -19.79 -17.43 11.46
N HIS A 742 -18.78 -17.23 12.32
CA HIS A 742 -18.80 -17.78 13.67
C HIS A 742 -19.74 -16.95 14.56
N PRO A 743 -20.53 -17.61 15.43
CA PRO A 743 -21.46 -16.86 16.29
C PRO A 743 -20.80 -15.99 17.35
N THR A 744 -19.89 -16.58 18.14
CA THR A 744 -19.28 -15.86 19.25
C THR A 744 -18.11 -15.01 18.79
N GLU A 745 -17.28 -15.55 17.89
CA GLU A 745 -16.13 -14.82 17.38
C GLU A 745 -16.58 -13.73 16.40
N PHE A 746 -15.97 -12.56 16.50
CA PHE A 746 -16.38 -11.41 15.69
C PHE A 746 -15.71 -11.52 14.33
N ASP A 747 -16.26 -12.35 13.46
CA ASP A 747 -15.68 -12.56 12.14
C ASP A 747 -16.74 -12.35 11.05
N PHE A 748 -16.30 -11.82 9.91
CA PHE A 748 -17.21 -11.40 8.85
C PHE A 748 -16.50 -11.39 7.51
N TYR A 749 -17.29 -11.26 6.45
CA TYR A 749 -16.77 -11.25 5.08
C TYR A 749 -17.11 -9.93 4.41
N LEU A 750 -16.20 -9.48 3.54
CA LEU A 750 -16.40 -8.26 2.76
C LEU A 750 -15.91 -8.48 1.33
N CYS A 751 -16.83 -8.42 0.38
CA CYS A 751 -16.51 -8.46 -1.05
C CYS A 751 -16.60 -7.04 -1.57
N SER A 752 -15.45 -6.37 -1.65
CA SER A 752 -15.39 -4.97 -2.03
C SER A 752 -14.53 -4.76 -3.27
N HIS A 753 -14.74 -5.60 -4.29
CA HIS A 753 -14.17 -5.36 -5.61
C HIS A 753 -15.09 -6.00 -6.64
N ALA A 754 -15.36 -5.27 -7.71
CA ALA A 754 -16.23 -5.80 -8.76
C ALA A 754 -15.51 -6.89 -9.54
N GLY A 755 -16.30 -7.72 -10.22
CA GLY A 755 -15.72 -8.78 -11.02
C GLY A 755 -15.39 -8.31 -12.42
N ILE A 756 -14.12 -7.96 -12.64
CA ILE A 756 -13.71 -7.52 -13.97
C ILE A 756 -13.75 -8.69 -14.94
N GLN A 757 -13.19 -9.83 -14.55
CA GLN A 757 -13.14 -11.01 -15.41
C GLN A 757 -13.00 -12.23 -14.51
N GLY A 758 -14.04 -13.06 -14.46
CA GLY A 758 -14.01 -14.23 -13.60
C GLY A 758 -14.97 -14.14 -12.43
N THR A 759 -14.47 -14.30 -11.22
CA THR A 759 -15.40 -14.11 -10.08
C THR A 759 -14.71 -13.23 -9.05
N SER A 760 -15.49 -12.60 -8.17
CA SER A 760 -14.92 -11.77 -7.09
C SER A 760 -14.88 -12.61 -5.80
N ARG A 761 -13.83 -12.45 -4.98
CA ARG A 761 -13.68 -13.28 -3.75
C ARG A 761 -13.99 -12.49 -2.47
N PRO A 762 -15.17 -12.70 -1.84
CA PRO A 762 -15.47 -12.06 -0.57
C PRO A 762 -14.46 -12.42 0.49
N SER A 763 -13.73 -11.44 1.01
CA SER A 763 -12.62 -11.63 1.93
C SER A 763 -13.10 -11.96 3.34
N HIS A 764 -12.30 -12.76 4.06
CA HIS A 764 -12.61 -13.16 5.42
C HIS A 764 -11.80 -12.32 6.41
N TYR A 765 -12.44 -11.98 7.53
CA TYR A 765 -11.98 -10.99 8.48
C TYR A 765 -12.28 -11.60 9.85
N HIS A 766 -11.31 -11.63 10.75
CA HIS A 766 -11.46 -12.35 12.01
C HIS A 766 -10.99 -11.47 13.17
N VAL A 767 -11.87 -11.25 14.16
CA VAL A 767 -11.64 -10.41 15.33
C VAL A 767 -12.06 -11.15 16.59
N LEU A 768 -11.08 -11.46 17.44
CA LEU A 768 -11.38 -12.11 18.70
C LEU A 768 -11.10 -11.09 19.77
N TRP A 769 -9.99 -10.37 19.63
CA TRP A 769 -9.65 -9.32 20.57
C TRP A 769 -10.46 -8.08 20.25
N ASP A 770 -11.37 -7.73 21.14
CA ASP A 770 -12.39 -6.75 20.84
C ASP A 770 -12.47 -5.71 21.94
N ASP A 771 -11.40 -5.55 22.71
CA ASP A 771 -11.38 -4.53 23.75
C ASP A 771 -11.38 -3.14 23.12
N ASN A 772 -11.27 -3.07 21.80
CA ASN A 772 -11.38 -1.78 21.14
C ASN A 772 -12.86 -1.45 21.09
N ARG A 773 -13.70 -2.37 21.56
CA ARG A 773 -15.14 -2.15 21.61
C ARG A 773 -15.72 -1.56 20.33
N PHE A 774 -16.06 -2.43 19.38
CA PHE A 774 -16.56 -1.93 18.10
C PHE A 774 -17.94 -2.48 17.81
N SER A 775 -18.81 -1.60 17.30
CA SER A 775 -20.00 -2.09 16.63
C SER A 775 -19.61 -2.78 15.33
N SER A 776 -20.46 -3.70 14.90
CA SER A 776 -20.20 -4.44 13.67
C SER A 776 -20.22 -3.52 12.47
N ASP A 777 -21.39 -2.90 12.19
CA ASP A 777 -21.58 -2.11 10.99
C ASP A 777 -20.54 -1.01 10.86
N GLU A 778 -20.15 -0.41 11.98
CA GLU A 778 -19.06 0.55 11.99
C GLU A 778 -17.74 -0.10 11.56
N LEU A 779 -17.50 -1.34 11.99
CA LEU A 779 -16.23 -1.98 11.65
C LEU A 779 -16.15 -2.33 10.16
N GLN A 780 -17.20 -2.88 9.56
CA GLN A 780 -17.09 -3.12 8.12
C GLN A 780 -17.20 -1.82 7.31
N ILE A 781 -17.85 -0.78 7.85
CA ILE A 781 -17.76 0.52 7.19
C ILE A 781 -16.31 1.01 7.19
N LEU A 782 -15.60 0.86 8.31
CA LEU A 782 -14.21 1.29 8.39
C LEU A 782 -13.34 0.50 7.41
N THR A 783 -13.54 -0.82 7.35
CA THR A 783 -12.74 -1.63 6.44
C THR A 783 -13.07 -1.33 4.97
N TYR A 784 -14.34 -1.03 4.67
CA TYR A 784 -14.73 -0.72 3.30
C TYR A 784 -14.18 0.62 2.84
N GLN A 785 -14.25 1.64 3.71
CA GLN A 785 -13.63 2.91 3.38
C GLN A 785 -12.11 2.79 3.29
N LEU A 786 -11.52 1.87 4.07
CA LEU A 786 -10.09 1.61 3.92
C LEU A 786 -9.78 0.90 2.61
N CYS A 787 -10.66 0.00 2.16
CA CYS A 787 -10.50 -0.62 0.84
C CYS A 787 -10.58 0.42 -0.26
N HIS A 788 -11.50 1.37 -0.11
CA HIS A 788 -11.58 2.49 -1.06
C HIS A 788 -10.38 3.42 -0.95
N THR A 789 -9.69 3.39 0.19
CA THR A 789 -8.54 4.27 0.39
C THR A 789 -7.28 3.73 -0.30
N TYR A 790 -7.34 2.54 -0.89
CA TYR A 790 -6.23 2.05 -1.70
C TYR A 790 -6.00 2.98 -2.87
N VAL A 791 -4.74 3.32 -3.11
CA VAL A 791 -4.38 4.50 -3.89
C VAL A 791 -3.89 4.16 -5.29
N ARG A 792 -3.75 2.89 -5.62
CA ARG A 792 -3.21 2.49 -6.91
C ARG A 792 -4.28 2.32 -7.99
N CYS A 793 -5.55 2.47 -7.63
CA CYS A 793 -6.65 2.33 -8.58
C CYS A 793 -7.86 3.09 -8.06
N THR A 794 -8.63 3.67 -8.97
CA THR A 794 -9.88 4.34 -8.61
C THR A 794 -11.02 3.32 -8.56
N ARG A 795 -10.87 2.36 -7.65
CA ARG A 795 -11.88 1.36 -7.38
C ARG A 795 -11.55 0.72 -6.04
N SER A 796 -12.59 0.24 -5.37
CA SER A 796 -12.38 -0.47 -4.12
C SER A 796 -11.71 -1.81 -4.39
N VAL A 797 -10.86 -2.24 -3.45
CA VAL A 797 -10.14 -3.51 -3.59
C VAL A 797 -10.59 -4.49 -2.52
N SER A 798 -10.10 -5.73 -2.61
CA SER A 798 -10.69 -6.83 -1.84
C SER A 798 -10.43 -6.70 -0.34
N ILE A 799 -9.18 -6.47 0.04
CA ILE A 799 -8.80 -6.39 1.45
C ILE A 799 -8.19 -5.01 1.69
N PRO A 800 -8.18 -4.51 2.94
CA PRO A 800 -8.03 -3.05 3.14
C PRO A 800 -6.68 -2.53 2.70
N ALA A 801 -6.59 -1.22 2.59
CA ALA A 801 -5.35 -0.56 2.21
C ALA A 801 -4.16 -0.91 3.12
N PRO A 802 -4.25 -0.83 4.47
CA PRO A 802 -3.05 -1.18 5.27
C PRO A 802 -2.57 -2.62 5.10
N ALA A 803 -3.46 -3.58 4.95
CA ALA A 803 -3.00 -4.95 4.76
C ALA A 803 -2.48 -5.16 3.33
N TYR A 804 -3.04 -4.45 2.35
CA TYR A 804 -2.39 -4.38 1.04
C TYR A 804 -0.97 -3.84 1.14
N TYR A 805 -0.78 -2.73 1.84
CA TYR A 805 0.55 -2.14 1.88
C TYR A 805 1.51 -3.04 2.65
N ALA A 806 1.01 -3.78 3.64
CA ALA A 806 1.81 -4.81 4.28
C ALA A 806 2.23 -5.89 3.29
N HIS A 807 1.29 -6.33 2.43
CA HIS A 807 1.63 -7.33 1.44
C HIS A 807 2.67 -6.83 0.44
N LEU A 808 2.51 -5.59 -0.04
CA LEU A 808 3.46 -5.07 -1.02
C LEU A 808 4.79 -4.73 -0.39
N VAL A 809 4.83 -4.41 0.92
CA VAL A 809 6.14 -4.17 1.52
C VAL A 809 6.81 -5.49 1.88
N ALA A 810 6.04 -6.55 2.15
CA ALA A 810 6.63 -7.87 2.30
C ALA A 810 7.21 -8.37 0.99
N PHE A 811 6.45 -8.20 -0.11
CA PHE A 811 6.97 -8.54 -1.43
C PHE A 811 8.14 -7.65 -1.82
N ARG A 812 8.12 -6.39 -1.38
CA ARG A 812 9.23 -5.48 -1.63
C ARG A 812 10.49 -5.94 -0.91
N ALA A 813 10.36 -6.40 0.34
CA ALA A 813 11.52 -6.94 1.05
C ALA A 813 11.98 -8.24 0.43
N ARG A 814 11.05 -9.01 -0.13
CA ARG A 814 11.43 -10.20 -0.89
C ARG A 814 12.26 -9.84 -2.12
N TYR A 815 11.91 -8.73 -2.77
CA TYR A 815 12.76 -8.22 -3.85
C TYR A 815 14.03 -7.59 -3.31
N HIS A 816 14.03 -7.19 -2.03
CA HIS A 816 15.25 -6.67 -1.40
C HIS A 816 16.20 -7.79 -0.99
N LEU A 817 15.71 -8.94 -0.62
CA LEU A 817 16.57 -10.01 -0.25
C LEU A 817 16.74 -10.82 -1.49
N VAL A 818 17.60 -10.37 -2.41
CA VAL A 818 17.89 -11.14 -3.59
C VAL A 818 19.35 -10.99 -3.93
N ASP A 819 19.89 -11.90 -4.71
CA ASP A 819 21.29 -11.86 -5.07
C ASP A 819 21.68 -10.63 -5.87
N LYS A 820 21.99 -10.79 -7.16
CA LYS A 820 22.39 -9.66 -8.00
C LYS A 820 22.12 -8.31 -7.37
N ASP A 838 24.84 -14.02 8.03
CA ASP A 838 23.60 -14.24 7.32
C ASP A 838 22.50 -14.70 8.27
N HIS A 839 22.06 -15.95 8.17
CA HIS A 839 21.01 -16.49 9.02
C HIS A 839 19.88 -15.49 9.14
N GLN A 840 19.73 -14.85 10.30
CA GLN A 840 18.71 -13.82 10.42
C GLN A 840 19.43 -12.53 10.76
N ALA A 841 20.63 -12.34 10.23
CA ALA A 841 21.32 -11.08 10.39
C ALA A 841 21.35 -10.50 9.02
N LEU A 842 20.27 -10.74 8.28
CA LEU A 842 20.14 -10.19 6.97
C LEU A 842 19.03 -9.17 7.01
N ALA A 843 18.60 -8.75 8.19
CA ALA A 843 17.60 -7.69 8.28
C ALA A 843 18.23 -6.35 8.22
N LYS A 844 19.40 -6.29 7.63
CA LYS A 844 20.04 -5.02 7.42
C LYS A 844 19.85 -4.79 5.97
N ALA A 845 19.49 -5.85 5.25
CA ALA A 845 19.16 -5.71 3.82
C ALA A 845 17.67 -5.43 3.61
N VAL A 846 16.81 -5.81 4.56
CA VAL A 846 15.42 -5.43 4.49
C VAL A 846 15.14 -4.18 5.35
N GLN A 847 16.15 -3.41 5.78
CA GLN A 847 15.85 -2.21 6.54
C GLN A 847 15.78 -1.00 5.60
N VAL A 848 14.66 -0.27 5.69
CA VAL A 848 14.36 0.80 4.75
C VAL A 848 15.20 2.02 5.09
N HIS A 849 15.46 2.85 4.09
CA HIS A 849 16.25 4.05 4.29
C HIS A 849 15.49 5.07 5.13
N GLN A 850 16.23 6.03 5.68
CA GLN A 850 15.64 7.02 6.58
C GLN A 850 14.65 7.92 5.86
N ASP A 851 14.97 8.32 4.62
CA ASP A 851 14.06 9.14 3.84
C ASP A 851 12.80 8.37 3.47
N THR A 852 12.96 7.11 3.09
CA THR A 852 11.86 6.28 2.63
C THR A 852 11.05 5.69 3.78
N LEU A 853 11.58 5.76 5.01
CA LEU A 853 10.82 5.27 6.16
C LEU A 853 9.59 6.12 6.42
N ARG A 854 9.56 7.37 5.97
CA ARG A 854 8.35 8.17 5.94
C ARG A 854 7.54 7.96 4.67
N THR A 855 8.19 7.60 3.57
CA THR A 855 7.59 7.58 2.25
C THR A 855 6.77 6.30 2.04
N MET A 856 5.58 6.47 1.48
CA MET A 856 4.66 5.37 1.14
C MET A 856 5.12 4.67 -0.14
N TYR A 857 6.30 4.05 -0.06
CA TYR A 857 6.98 3.56 -1.25
C TYR A 857 6.39 2.24 -1.74
N PHE A 858 5.85 1.43 -0.83
CA PHE A 858 5.37 0.10 -1.16
C PHE A 858 4.19 0.14 -2.13
N ALA A 859 3.33 1.15 -2.01
CA ALA A 859 2.22 1.33 -2.92
C ALA A 859 2.72 1.78 -4.29
#